data_3U4H
#
_entry.id   3U4H
#
_cell.length_a   41.713
_cell.length_b   51.459
_cell.length_c   67.755
_cell.angle_alpha   72.85
_cell.angle_beta   89.13
_cell.angle_gamma   83.18
#
_symmetry.space_group_name_H-M   'P 1'
#
loop_
_entity.id
_entity.type
_entity.pdbx_description
1 polymer 'ADP-ribosyl cyclase 1'
2 non-polymer "8-Amino-N1-Cyclic Inosine 5'-Diphosphoribose"
3 water water
#
_entity_poly.entity_id   1
_entity_poly.type   'polypeptide(L)'
_entity_poly.pdbx_seq_one_letter_code
;KREAEARWRQTWSGPGTTKRFPETVLARCVKYTEIHPEMRHVDCQSVWDAFKGAFISKHPCDITEEDYQPLMKLGTQTVP
CNKILLWSRIKDLAHQFTQVQRDMFTLEDTLLGYLADDLTWCGEFDTSKINYQSCPDWRKDCSNNPVSVFWKTVSRRFAE
AACDVVHVMLDGSRSKIFDKDSTFGSVEVHNLQPEKVQTLEAWVIHGGREDSRDLCQDPTIKELESIISKRNIQFSCKNI
YRPDKFLQCVKNPEDSSCTSEI
;
_entity_poly.pdbx_strand_id   A,B
#
# COMPACT_ATOMS: atom_id res chain seq x y z
N GLN A 10 -6.51 24.85 -23.88
CA GLN A 10 -5.61 23.71 -24.02
C GLN A 10 -6.36 22.40 -23.78
N THR A 11 -5.67 21.28 -24.01
CA THR A 11 -6.28 19.97 -23.74
C THR A 11 -6.54 19.85 -22.27
N TRP A 12 -5.53 20.14 -21.46
CA TRP A 12 -5.61 19.96 -20.02
C TRP A 12 -5.57 21.32 -19.35
N SER A 13 -5.81 21.34 -18.04
CA SER A 13 -5.87 22.60 -17.29
C SER A 13 -4.57 22.97 -16.63
N GLY A 14 -3.66 22.02 -16.46
CA GLY A 14 -2.39 22.29 -15.81
C GLY A 14 -1.38 22.82 -16.82
N PRO A 15 -0.27 23.42 -16.32
CA PRO A 15 0.76 23.94 -17.21
C PRO A 15 1.45 22.82 -17.97
N GLY A 16 1.99 23.12 -19.15
CA GLY A 16 2.62 22.11 -19.98
C GLY A 16 3.96 21.69 -19.41
N THR A 17 4.57 20.68 -20.02
CA THR A 17 5.90 20.24 -19.61
C THR A 17 6.86 21.43 -19.63
N THR A 18 7.74 21.50 -18.63
CA THR A 18 8.64 22.63 -18.52
C THR A 18 9.52 22.72 -19.77
N LYS A 19 9.72 23.94 -20.27
CA LYS A 19 10.56 24.11 -21.44
C LYS A 19 11.91 23.48 -21.15
N ARG A 20 12.44 22.77 -22.15
CA ARG A 20 13.76 22.14 -22.05
C ARG A 20 13.83 21.02 -21.03
N PHE A 21 12.68 20.44 -20.70
CA PHE A 21 12.62 19.42 -19.66
C PHE A 21 13.69 18.32 -19.76
N PRO A 22 13.83 17.69 -20.94
CA PRO A 22 14.84 16.62 -21.09
C PRO A 22 16.27 17.08 -20.80
N GLU A 23 16.65 18.20 -21.42
CA GLU A 23 18.00 18.74 -21.23
C GLU A 23 18.22 19.03 -19.75
N THR A 24 17.17 19.53 -19.10
CA THR A 24 17.26 19.92 -17.70
C THR A 24 17.43 18.76 -16.74
N VAL A 25 16.65 17.69 -16.94
CA VAL A 25 16.79 16.53 -16.09
C VAL A 25 18.16 15.89 -16.27
N LEU A 26 18.57 15.74 -17.52
CA LEU A 26 19.87 15.17 -17.80
C LEU A 26 21.00 15.97 -17.13
N ALA A 27 20.94 17.30 -17.23
CA ALA A 27 21.97 18.15 -16.65
C ALA A 27 21.98 18.10 -15.13
N ARG A 28 20.79 18.01 -14.54
CA ARG A 28 20.65 17.86 -13.10
C ARG A 28 21.22 16.53 -12.62
N CYS A 29 21.01 15.48 -13.40
CA CYS A 29 21.55 14.18 -13.02
C CYS A 29 23.08 14.24 -13.04
N VAL A 30 23.65 14.78 -14.12
CA VAL A 30 25.09 14.92 -14.22
C VAL A 30 25.66 15.72 -13.05
N LYS A 31 25.05 16.88 -12.78
CA LYS A 31 25.53 17.72 -11.70
C LYS A 31 25.43 17.02 -10.36
N TYR A 32 24.30 16.38 -10.10
CA TYR A 32 24.09 15.70 -8.84
C TYR A 32 25.10 14.60 -8.61
N THR A 33 25.30 13.76 -9.62
CA THR A 33 26.19 12.62 -9.51
C THR A 33 27.65 13.06 -9.46
N GLU A 34 27.93 14.26 -9.95
CA GLU A 34 29.28 14.83 -9.82
C GLU A 34 29.55 15.21 -8.36
N ILE A 35 28.55 15.79 -7.72
CA ILE A 35 28.70 16.31 -6.37
C ILE A 35 28.69 15.21 -5.29
N HIS A 36 27.77 14.26 -5.42
CA HIS A 36 27.55 13.24 -4.39
C HIS A 36 28.22 11.93 -4.75
N PRO A 37 29.30 11.59 -4.04
CA PRO A 37 30.12 10.42 -4.38
C PRO A 37 29.31 9.11 -4.35
N GLU A 38 28.33 9.00 -3.47
CA GLU A 38 27.53 7.79 -3.36
C GLU A 38 26.74 7.46 -4.64
N MET A 39 26.53 8.47 -5.48
CA MET A 39 25.77 8.26 -6.70
C MET A 39 26.65 8.38 -7.95
N ARG A 40 27.96 8.35 -7.73
CA ARG A 40 28.91 8.44 -8.83
C ARG A 40 28.80 7.26 -9.80
N HIS A 41 28.13 6.19 -9.38
CA HIS A 41 27.94 5.01 -10.22
C HIS A 41 26.80 5.16 -11.23
N VAL A 42 26.00 6.22 -11.09
CA VAL A 42 24.78 6.37 -11.89
C VAL A 42 25.08 6.80 -13.34
N ASP A 43 24.49 6.10 -14.30
CA ASP A 43 24.56 6.48 -15.71
C ASP A 43 23.39 7.39 -16.00
N CYS A 44 23.65 8.67 -16.29
CA CYS A 44 22.56 9.62 -16.35
C CYS A 44 21.63 9.46 -17.56
N GLN A 45 22.17 9.01 -18.68
CA GLN A 45 21.34 8.72 -19.85
C GLN A 45 20.36 7.61 -19.51
N SER A 46 20.83 6.63 -18.76
CA SER A 46 19.98 5.55 -18.29
C SER A 46 18.86 6.07 -17.40
N VAL A 47 19.20 6.98 -16.50
CA VAL A 47 18.20 7.57 -15.62
C VAL A 47 17.15 8.28 -16.46
N TRP A 48 17.62 9.05 -17.42
CA TRP A 48 16.70 9.78 -18.29
C TRP A 48 15.78 8.83 -19.04
N ASP A 49 16.32 7.72 -19.54
CA ASP A 49 15.54 6.75 -20.29
C ASP A 49 14.50 6.08 -19.40
N ALA A 50 14.86 5.84 -18.14
CA ALA A 50 13.90 5.26 -17.18
C ALA A 50 12.82 6.28 -16.80
N PHE A 51 13.22 7.54 -16.68
CA PHE A 51 12.30 8.62 -16.37
C PHE A 51 11.29 8.74 -17.51
N LYS A 52 11.81 8.86 -18.73
CA LYS A 52 10.99 8.88 -19.96
C LYS A 52 10.03 7.71 -20.05
N GLY A 53 10.57 6.52 -19.79
CA GLY A 53 9.81 5.29 -19.86
C GLY A 53 8.53 5.34 -19.04
N ALA A 54 8.55 6.06 -17.93
CA ALA A 54 7.39 6.10 -17.04
C ALA A 54 6.16 6.81 -17.63
N PHE A 55 6.36 7.74 -18.56
CA PHE A 55 5.24 8.58 -18.98
C PHE A 55 5.07 8.82 -20.48
N ILE A 56 6.11 8.57 -21.27
CA ILE A 56 6.03 8.71 -22.73
C ILE A 56 5.13 7.64 -23.32
N SER A 57 4.28 8.04 -24.26
CA SER A 57 3.32 7.16 -24.91
C SER A 57 2.31 6.52 -23.96
N LYS A 58 2.16 7.11 -22.78
CA LYS A 58 1.16 6.63 -21.84
C LYS A 58 0.11 7.72 -21.65
N HIS A 59 -1.13 7.31 -21.40
CA HIS A 59 -2.15 8.32 -21.12
C HIS A 59 -1.79 9.02 -19.83
N PRO A 60 -1.79 10.36 -19.83
CA PRO A 60 -1.32 11.10 -18.66
C PRO A 60 -2.34 11.13 -17.52
N CYS A 61 -3.45 10.42 -17.64
CA CYS A 61 -4.36 10.25 -16.52
C CYS A 61 -4.41 8.79 -16.11
N ASP A 62 -3.41 8.03 -16.54
CA ASP A 62 -3.37 6.59 -16.27
C ASP A 62 -1.98 6.13 -15.84
N ILE A 63 -1.29 6.98 -15.09
CA ILE A 63 0.06 6.67 -14.64
C ILE A 63 -0.04 5.92 -13.32
N THR A 64 0.83 4.93 -13.13
CA THR A 64 0.87 4.17 -11.89
C THR A 64 2.24 4.25 -11.24
N GLU A 65 2.36 3.81 -9.99
CA GLU A 65 3.66 3.81 -9.33
C GLU A 65 4.59 2.82 -10.00
N GLU A 66 4.01 1.76 -10.57
CA GLU A 66 4.79 0.76 -11.26
C GLU A 66 5.50 1.36 -12.48
N ASP A 67 4.87 2.35 -13.11
CA ASP A 67 5.50 3.04 -14.25
C ASP A 67 6.82 3.66 -13.83
N TYR A 68 6.94 4.03 -12.55
CA TYR A 68 8.15 4.70 -12.07
C TYR A 68 9.17 3.75 -11.42
N GLN A 69 8.88 2.46 -11.44
CA GLN A 69 9.76 1.50 -10.78
C GLN A 69 11.15 1.38 -11.41
N PRO A 70 11.24 1.37 -12.75
CA PRO A 70 12.58 1.39 -13.35
C PRO A 70 13.42 2.61 -12.91
N LEU A 71 12.80 3.79 -12.85
CA LEU A 71 13.48 4.98 -12.35
C LEU A 71 13.86 4.85 -10.86
N MET A 72 12.93 4.39 -10.03
CA MET A 72 13.21 4.19 -8.61
C MET A 72 14.42 3.28 -8.42
N LYS A 73 14.49 2.25 -9.25
CA LYS A 73 15.58 1.29 -9.21
C LYS A 73 16.92 1.97 -9.46
N LEU A 74 17.03 2.72 -10.56
CA LEU A 74 18.26 3.42 -10.90
C LEU A 74 18.65 4.49 -9.85
N GLY A 75 17.67 5.18 -9.31
CA GLY A 75 17.91 6.23 -8.34
C GLY A 75 17.95 5.71 -6.91
N THR A 76 18.12 4.41 -6.76
CA THR A 76 18.24 3.77 -5.44
C THR A 76 19.32 4.45 -4.62
N GLN A 77 18.97 4.87 -3.41
CA GLN A 77 19.90 5.68 -2.61
C GLN A 77 19.65 5.61 -1.11
N THR A 78 20.74 5.58 -0.36
CA THR A 78 20.69 5.63 1.10
C THR A 78 21.07 7.01 1.64
N VAL A 79 20.16 7.65 2.37
CA VAL A 79 20.52 8.85 3.12
C VAL A 79 20.43 8.49 4.61
N PRO A 80 21.16 9.21 5.47
CA PRO A 80 21.12 8.87 6.89
C PRO A 80 19.68 8.90 7.40
N CYS A 81 19.19 7.72 7.82
CA CYS A 81 17.78 7.55 8.17
C CYS A 81 17.34 8.39 9.36
N ASN A 82 18.29 8.79 10.20
CA ASN A 82 17.95 9.51 11.43
C ASN A 82 18.05 11.02 11.28
N LYS A 83 18.28 11.50 10.06
CA LYS A 83 18.45 12.94 9.83
C LYS A 83 17.49 13.45 8.77
N ILE A 84 16.31 12.85 8.73
CA ILE A 84 15.33 13.25 7.71
C ILE A 84 14.49 14.46 8.13
N LEU A 85 14.37 15.40 7.20
CA LEU A 85 13.50 16.56 7.35
C LEU A 85 12.34 16.53 6.36
N LEU A 86 11.12 16.36 6.87
CA LEU A 86 9.93 16.50 6.04
C LEU A 86 9.43 17.93 6.15
N TRP A 87 8.45 18.31 5.34
CA TRP A 87 7.97 19.67 5.40
C TRP A 87 6.64 19.73 4.68
N SER A 88 5.89 20.79 4.93
CA SER A 88 4.64 20.95 4.21
C SER A 88 4.37 22.43 4.07
N ARG A 89 4.31 22.89 2.83
CA ARG A 89 4.00 24.29 2.51
C ARG A 89 5.07 25.28 2.96
N ILE A 90 6.30 24.81 3.10
CA ILE A 90 7.37 25.67 3.55
C ILE A 90 8.68 25.12 2.98
N LYS A 91 8.63 24.74 1.71
CA LYS A 91 9.79 24.12 1.05
C LYS A 91 11.05 24.98 1.12
N ASP A 92 10.90 26.27 0.85
CA ASP A 92 12.06 27.16 0.73
C ASP A 92 12.88 27.22 2.01
N LEU A 93 12.22 27.39 3.14
CA LEU A 93 12.90 27.43 4.45
C LEU A 93 13.60 26.09 4.71
N ALA A 94 12.89 24.99 4.48
CA ALA A 94 13.47 23.67 4.65
C ALA A 94 14.78 23.54 3.87
N HIS A 95 14.78 24.00 2.62
CA HIS A 95 15.97 24.01 1.76
C HIS A 95 17.09 24.92 2.27
N GLN A 96 16.73 26.12 2.69
CA GLN A 96 17.76 27.03 3.19
C GLN A 96 18.39 26.45 4.46
N PHE A 97 17.56 25.83 5.30
CA PHE A 97 18.09 25.22 6.53
C PHE A 97 19.09 24.11 6.25
N THR A 98 18.72 23.11 5.44
CA THR A 98 19.64 21.98 5.22
C THR A 98 20.93 22.39 4.48
N GLN A 99 20.84 23.44 3.67
CA GLN A 99 22.00 23.89 2.92
C GLN A 99 23.12 24.50 3.77
N VAL A 100 22.81 24.97 4.97
CA VAL A 100 23.83 25.62 5.80
C VAL A 100 24.99 24.69 6.14
N GLN A 101 24.69 23.51 6.67
CA GLN A 101 25.74 22.57 7.06
C GLN A 101 25.26 21.11 6.99
N ARG A 102 24.18 20.88 6.26
CA ARG A 102 23.70 19.51 6.00
C ARG A 102 23.27 18.82 7.28
N ASP A 103 22.64 19.58 8.18
CA ASP A 103 22.16 19.03 9.46
C ASP A 103 21.15 17.92 9.17
N MET A 104 20.32 18.14 8.15
CA MET A 104 19.30 17.19 7.80
C MET A 104 19.18 17.06 6.28
N PHE A 105 18.33 16.13 5.84
CA PHE A 105 18.16 15.84 4.41
C PHE A 105 16.69 15.87 4.05
N THR A 106 16.34 16.59 3.00
CA THR A 106 14.97 16.54 2.50
C THR A 106 15.00 15.67 1.26
N LEU A 107 13.83 15.42 0.70
CA LEU A 107 13.76 14.66 -0.54
C LEU A 107 14.61 15.29 -1.67
N GLU A 108 14.79 16.62 -1.67
CA GLU A 108 15.59 17.24 -2.74
C GLU A 108 17.10 17.03 -2.60
N ASP A 109 17.53 16.50 -1.45
CA ASP A 109 18.92 16.17 -1.22
C ASP A 109 19.18 14.76 -1.75
N THR A 110 18.13 14.11 -2.25
CA THR A 110 18.29 12.84 -2.97
C THR A 110 18.29 13.07 -4.47
N LEU A 111 18.87 12.14 -5.22
CA LEU A 111 18.91 12.26 -6.68
C LEU A 111 17.53 12.51 -7.28
N LEU A 112 16.58 11.62 -6.98
CA LEU A 112 15.27 11.71 -7.65
C LEU A 112 14.54 13.00 -7.33
N GLY A 113 14.57 13.42 -6.06
CA GLY A 113 13.93 14.67 -5.68
C GLY A 113 14.60 15.87 -6.32
N TYR A 114 15.91 15.79 -6.45
CA TYR A 114 16.68 16.85 -7.09
C TYR A 114 16.34 16.96 -8.57
N LEU A 115 16.18 15.81 -9.24
CA LEU A 115 15.87 15.83 -10.69
C LEU A 115 14.57 16.57 -10.97
N ALA A 116 13.58 16.34 -10.11
CA ALA A 116 12.19 16.71 -10.43
C ALA A 116 11.73 18.03 -9.82
N ASP A 117 12.44 18.54 -8.83
CA ASP A 117 12.00 19.76 -8.15
C ASP A 117 11.64 20.90 -9.12
N ASP A 118 10.44 21.46 -8.95
CA ASP A 118 9.94 22.60 -9.72
C ASP A 118 9.68 22.32 -11.21
N LEU A 119 9.69 21.06 -11.61
CA LEU A 119 9.41 20.73 -13.00
C LEU A 119 8.01 20.13 -13.13
N THR A 120 7.47 20.21 -14.34
CA THR A 120 6.20 19.57 -14.71
C THR A 120 6.48 18.80 -16.00
N TRP A 121 5.84 17.65 -16.19
CA TRP A 121 6.01 16.88 -17.41
C TRP A 121 4.79 16.00 -17.63
N CYS A 122 4.47 15.76 -18.90
CA CYS A 122 3.51 14.74 -19.29
C CYS A 122 3.72 14.35 -20.73
N GLY A 123 3.18 13.20 -21.11
CA GLY A 123 3.22 12.76 -22.49
C GLY A 123 1.80 12.70 -23.00
N GLU A 124 1.58 11.91 -24.04
CA GLU A 124 0.28 11.71 -24.65
C GLU A 124 0.11 10.24 -24.98
N PHE A 125 -1.11 9.73 -24.95
CA PHE A 125 -1.30 8.37 -25.39
C PHE A 125 -1.13 8.29 -26.91
N ASP A 126 -0.65 7.15 -27.39
CA ASP A 126 -0.53 6.87 -28.83
C ASP A 126 0.16 7.96 -29.66
N THR A 127 1.09 8.68 -29.03
CA THR A 127 2.12 9.42 -29.74
C THR A 127 3.27 9.44 -28.76
N SER A 128 4.50 9.48 -29.27
CA SER A 128 5.64 9.36 -28.38
C SER A 128 6.24 10.70 -27.98
N LYS A 129 5.53 11.79 -28.22
CA LYS A 129 6.07 13.11 -27.90
C LYS A 129 5.71 13.60 -26.49
N ILE A 130 6.50 14.56 -26.02
CA ILE A 130 6.25 15.23 -24.75
C ILE A 130 5.27 16.37 -24.96
N ASN A 131 4.36 16.60 -24.01
CA ASN A 131 3.34 17.63 -24.18
C ASN A 131 3.77 18.94 -23.55
N TYR A 132 4.23 19.88 -24.38
CA TYR A 132 4.70 21.17 -23.90
C TYR A 132 3.58 22.18 -23.78
N GLN A 133 2.37 21.80 -24.20
CA GLN A 133 1.24 22.73 -24.21
C GLN A 133 0.44 22.70 -22.91
N SER A 134 0.14 21.49 -22.42
CA SER A 134 -0.53 21.36 -21.13
C SER A 134 -0.42 19.96 -20.54
N CYS A 135 -0.63 19.87 -19.24
CA CYS A 135 -0.60 18.59 -18.53
C CYS A 135 -1.78 18.56 -17.57
N PRO A 136 -2.21 17.37 -17.16
CA PRO A 136 -3.41 17.26 -16.34
C PRO A 136 -3.26 18.00 -15.01
N ASP A 137 -4.27 18.78 -14.63
CA ASP A 137 -4.34 19.35 -13.29
C ASP A 137 -4.84 18.26 -12.33
N TRP A 138 -4.23 18.18 -11.14
CA TRP A 138 -4.60 17.12 -10.21
C TRP A 138 -6.07 17.22 -9.75
N ARG A 139 -6.63 18.43 -9.68
CA ARG A 139 -8.03 18.61 -9.29
C ARG A 139 -9.00 18.42 -10.45
N LYS A 140 -8.86 19.24 -11.49
CA LYS A 140 -9.85 19.27 -12.57
C LYS A 140 -9.77 18.08 -13.52
N ASP A 141 -8.57 17.53 -13.68
CA ASP A 141 -8.35 16.50 -14.69
C ASP A 141 -8.27 15.09 -14.10
N CYS A 142 -7.19 14.82 -13.37
CA CYS A 142 -7.00 13.51 -12.76
C CYS A 142 -5.84 13.57 -11.80
N SER A 143 -5.89 12.73 -10.79
CA SER A 143 -4.81 12.69 -9.82
C SER A 143 -3.72 11.69 -10.26
N ASN A 144 -4.05 10.84 -11.22
CA ASN A 144 -3.13 9.79 -11.63
C ASN A 144 -2.25 10.28 -12.78
N ASN A 145 -1.69 11.48 -12.60
CA ASN A 145 -0.88 12.12 -13.64
C ASN A 145 0.61 11.97 -13.34
N PRO A 146 1.45 12.14 -14.37
CA PRO A 146 2.86 11.80 -14.17
C PRO A 146 3.54 12.53 -13.01
N VAL A 147 3.21 13.81 -12.80
CA VAL A 147 3.87 14.56 -11.73
C VAL A 147 3.35 14.15 -10.35
N SER A 148 2.03 14.09 -10.22
CA SER A 148 1.44 13.75 -8.94
C SER A 148 1.84 12.34 -8.50
N VAL A 149 1.87 11.42 -9.46
CA VAL A 149 2.19 10.04 -9.14
C VAL A 149 3.66 9.88 -8.79
N PHE A 150 4.51 10.64 -9.48
CA PHE A 150 5.93 10.64 -9.12
C PHE A 150 6.18 11.02 -7.66
N TRP A 151 5.59 12.14 -7.24
CA TRP A 151 5.87 12.64 -5.89
C TRP A 151 5.26 11.76 -4.82
N LYS A 152 4.09 11.21 -5.09
CA LYS A 152 3.48 10.27 -4.15
C LYS A 152 4.40 9.06 -3.97
N THR A 153 4.97 8.58 -5.06
CA THR A 153 5.82 7.40 -5.04
C THR A 153 7.14 7.63 -4.30
N VAL A 154 7.85 8.71 -4.64
CA VAL A 154 9.11 8.98 -3.96
C VAL A 154 8.92 9.37 -2.49
N SER A 155 7.85 10.11 -2.19
CA SER A 155 7.59 10.55 -0.83
C SER A 155 7.25 9.39 0.08
N ARG A 156 6.52 8.40 -0.46
CA ARG A 156 6.19 7.20 0.29
C ARG A 156 7.49 6.49 0.62
N ARG A 157 8.35 6.34 -0.38
CA ARG A 157 9.63 5.66 -0.20
C ARG A 157 10.55 6.38 0.80
N PHE A 158 10.62 7.71 0.70
CA PHE A 158 11.38 8.55 1.63
C PHE A 158 10.89 8.36 3.08
N ALA A 159 9.58 8.39 3.29
CA ALA A 159 9.03 8.19 4.64
C ALA A 159 9.35 6.81 5.20
N GLU A 160 9.22 5.80 4.35
CA GLU A 160 9.49 4.40 4.73
C GLU A 160 10.92 4.18 5.21
N ALA A 161 11.84 4.97 4.71
CA ALA A 161 13.25 4.79 5.04
C ALA A 161 13.67 5.50 6.32
N ALA A 162 12.81 6.40 6.83
CA ALA A 162 13.18 7.23 7.97
C ALA A 162 13.22 6.43 9.27
N CYS A 163 14.01 6.89 10.24
CA CYS A 163 14.10 6.20 11.50
C CYS A 163 14.40 7.18 12.63
N ASP A 164 14.33 6.69 13.86
CA ASP A 164 14.70 7.48 15.02
C ASP A 164 13.86 8.75 15.15
N VAL A 165 14.50 9.92 15.21
CA VAL A 165 13.73 11.16 15.31
C VAL A 165 13.61 11.75 13.89
N VAL A 166 12.38 11.97 13.45
CA VAL A 166 12.13 12.55 12.15
C VAL A 166 11.55 13.92 12.42
N HIS A 167 11.96 14.91 11.64
CA HIS A 167 11.49 16.27 11.84
C HIS A 167 10.58 16.68 10.71
N VAL A 168 9.68 17.61 10.99
CA VAL A 168 8.86 18.18 9.92
C VAL A 168 8.67 19.68 10.13
N MET A 169 9.00 20.47 9.11
CA MET A 169 8.71 21.89 9.16
C MET A 169 7.32 22.18 8.61
N LEU A 170 6.53 22.94 9.36
CA LEU A 170 5.17 23.30 8.95
C LEU A 170 5.02 24.81 8.86
N ASP A 171 4.18 25.26 7.95
CA ASP A 171 3.91 26.69 7.81
C ASP A 171 2.79 27.17 8.75
N GLY A 172 3.18 27.90 9.79
CA GLY A 172 2.26 28.36 10.80
C GLY A 172 1.24 29.40 10.34
N SER A 173 1.45 29.97 9.16
CA SER A 173 0.56 31.01 8.64
C SER A 173 -0.62 30.43 7.87
N ARG A 174 -0.55 29.15 7.50
CA ARG A 174 -1.62 28.50 6.74
C ARG A 174 -2.88 28.33 7.58
N SER A 175 -4.02 28.19 6.90
CA SER A 175 -5.31 27.99 7.55
C SER A 175 -5.36 26.66 8.31
N LYS A 176 -4.68 25.66 7.76
CA LYS A 176 -4.48 24.38 8.43
C LYS A 176 -2.97 24.16 8.49
N ILE A 177 -2.38 24.34 9.67
CA ILE A 177 -0.93 24.22 9.82
C ILE A 177 -0.52 22.79 9.45
N PHE A 178 -1.28 21.83 9.98
CA PHE A 178 -1.23 20.45 9.49
C PHE A 178 -2.46 20.23 8.61
N ASP A 179 -2.20 19.85 7.36
CA ASP A 179 -3.27 19.62 6.39
C ASP A 179 -3.27 18.15 5.99
N LYS A 180 -4.32 17.42 6.35
CA LYS A 180 -4.40 16.00 6.02
C LYS A 180 -4.40 15.75 4.51
N ASP A 181 -4.73 16.77 3.75
CA ASP A 181 -4.79 16.69 2.29
C ASP A 181 -3.42 16.86 1.61
N SER A 182 -2.40 17.27 2.37
CA SER A 182 -1.08 17.48 1.77
C SER A 182 -0.41 16.13 1.52
N THR A 183 0.71 16.12 0.82
CA THR A 183 1.44 14.87 0.68
C THR A 183 2.01 14.47 2.03
N PHE A 184 2.46 15.43 2.82
CA PHE A 184 2.94 15.10 4.16
C PHE A 184 1.83 14.40 4.95
N GLY A 185 0.63 14.97 4.89
CA GLY A 185 -0.46 14.50 5.71
C GLY A 185 -1.15 13.24 5.21
N SER A 186 -1.13 13.00 3.91
CA SER A 186 -1.88 11.88 3.34
C SER A 186 -0.97 10.72 3.01
N VAL A 187 0.32 10.99 2.87
CA VAL A 187 1.27 9.95 2.45
C VAL A 187 2.32 9.70 3.51
N GLU A 188 3.09 10.73 3.85
CA GLU A 188 4.26 10.52 4.66
C GLU A 188 3.91 10.11 6.09
N VAL A 189 2.93 10.77 6.68
CA VAL A 189 2.52 10.41 8.05
C VAL A 189 2.13 8.93 8.18
N HIS A 190 1.54 8.38 7.13
CA HIS A 190 1.02 7.02 7.17
C HIS A 190 2.05 6.02 6.70
N ASN A 191 3.25 6.49 6.36
CA ASN A 191 4.30 5.57 5.92
C ASN A 191 5.58 5.61 6.75
N LEU A 192 5.59 6.43 7.79
CA LEU A 192 6.60 6.33 8.83
C LEU A 192 6.45 4.98 9.54
N GLN A 193 7.55 4.25 9.69
CA GLN A 193 7.46 2.89 10.19
C GLN A 193 7.57 2.89 11.72
N PRO A 194 6.49 2.45 12.38
CA PRO A 194 6.38 2.39 13.85
C PRO A 194 7.50 1.57 14.47
N GLU A 195 8.02 0.58 13.74
CA GLU A 195 9.13 -0.21 14.28
C GLU A 195 10.41 0.63 14.44
N LYS A 196 10.53 1.69 13.63
CA LYS A 196 11.79 2.41 13.46
C LYS A 196 11.75 3.85 13.94
N VAL A 197 10.61 4.49 13.79
CA VAL A 197 10.53 5.93 14.09
C VAL A 197 10.15 6.12 15.54
N GLN A 198 10.99 6.84 16.27
CA GLN A 198 10.79 7.03 17.71
C GLN A 198 9.89 8.23 17.96
N THR A 199 10.16 9.32 17.24
CA THR A 199 9.52 10.61 17.50
C THR A 199 9.38 11.34 16.18
N LEU A 200 8.24 11.99 15.97
CA LEU A 200 8.12 13.00 14.94
C LEU A 200 8.12 14.34 15.66
N GLU A 201 9.03 15.22 15.27
CA GLU A 201 9.09 16.54 15.87
C GLU A 201 8.77 17.60 14.85
N ALA A 202 7.74 18.38 15.14
CA ALA A 202 7.29 19.42 14.24
C ALA A 202 7.86 20.76 14.65
N TRP A 203 8.38 21.49 13.67
CA TRP A 203 8.76 22.87 13.86
C TRP A 203 7.73 23.70 13.15
N VAL A 204 6.93 24.44 13.91
CA VAL A 204 5.92 25.29 13.31
C VAL A 204 6.49 26.67 13.08
N ILE A 205 6.57 27.08 11.82
CA ILE A 205 7.23 28.32 11.44
C ILE A 205 6.23 29.47 11.42
N HIS A 206 6.53 30.53 12.18
CA HIS A 206 5.62 31.66 12.27
C HIS A 206 5.82 32.62 11.11
N GLY A 207 4.78 33.37 10.75
CA GLY A 207 4.84 34.31 9.65
C GLY A 207 4.69 35.75 10.10
N SER A 212 3.79 35.83 18.76
CA SER A 212 2.46 35.36 18.42
C SER A 212 1.99 34.26 19.37
N ARG A 213 1.00 33.50 18.94
CA ARG A 213 0.44 32.43 19.74
C ARG A 213 1.37 31.23 19.85
N ASP A 214 1.05 30.34 20.77
CA ASP A 214 1.71 29.05 20.84
C ASP A 214 1.02 28.16 19.83
N LEU A 215 1.54 28.15 18.60
CA LEU A 215 0.91 27.43 17.51
C LEU A 215 1.00 25.92 17.67
N CYS A 216 1.84 25.45 18.60
CA CYS A 216 1.88 24.02 18.89
C CYS A 216 0.58 23.53 19.55
N GLN A 217 -0.22 24.46 20.07
CA GLN A 217 -1.51 24.10 20.67
C GLN A 217 -2.65 24.30 19.68
N ASP A 218 -2.30 24.50 18.41
CA ASP A 218 -3.30 24.61 17.35
C ASP A 218 -4.01 23.28 17.16
N PRO A 219 -5.31 23.33 16.84
CA PRO A 219 -6.13 22.12 16.70
C PRO A 219 -5.60 21.12 15.67
N THR A 220 -5.10 21.57 14.52
CA THR A 220 -4.60 20.63 13.52
C THR A 220 -3.30 19.96 13.97
N ILE A 221 -2.53 20.66 14.80
CA ILE A 221 -1.35 20.08 15.42
C ILE A 221 -1.75 19.00 16.43
N LYS A 222 -2.83 19.23 17.16
CA LYS A 222 -3.32 18.21 18.09
C LYS A 222 -3.78 16.99 17.30
N GLU A 223 -4.44 17.22 16.18
CA GLU A 223 -4.80 16.15 15.25
C GLU A 223 -3.59 15.35 14.77
N LEU A 224 -2.55 16.05 14.33
CA LEU A 224 -1.33 15.38 13.93
C LEU A 224 -0.80 14.56 15.10
N GLU A 225 -0.78 15.16 16.29
CA GLU A 225 -0.27 14.46 17.47
C GLU A 225 -1.03 13.16 17.70
N SER A 226 -2.34 13.27 17.68
CA SER A 226 -3.20 12.11 17.94
C SER A 226 -3.06 11.03 16.89
N ILE A 227 -2.94 11.42 15.62
CA ILE A 227 -2.72 10.45 14.55
C ILE A 227 -1.44 9.66 14.71
N ILE A 228 -0.34 10.36 14.93
CA ILE A 228 0.93 9.67 15.02
C ILE A 228 1.04 8.85 16.32
N SER A 229 0.39 9.32 17.37
CA SER A 229 0.37 8.56 18.64
C SER A 229 -0.23 7.18 18.41
N LYS A 230 -1.28 7.14 17.61
CA LYS A 230 -1.97 5.89 17.37
C LYS A 230 -1.18 4.97 16.46
N ARG A 231 -0.11 5.50 15.86
CA ARG A 231 0.75 4.65 15.04
C ARG A 231 1.85 4.16 15.94
N ASN A 232 1.82 4.60 17.20
CA ASN A 232 2.82 4.26 18.20
C ASN A 232 4.13 5.03 18.04
N ILE A 233 4.01 6.32 17.75
CA ILE A 233 5.17 7.19 17.56
C ILE A 233 5.02 8.40 18.48
N GLN A 234 6.10 8.80 19.15
CA GLN A 234 6.00 9.97 20.00
C GLN A 234 5.94 11.25 19.19
N PHE A 235 5.30 12.27 19.73
CA PHE A 235 5.20 13.55 19.05
C PHE A 235 5.78 14.66 19.90
N SER A 236 6.45 15.59 19.23
CA SER A 236 7.08 16.73 19.86
C SER A 236 6.84 17.95 18.96
N CYS A 237 6.73 19.13 19.55
CA CYS A 237 6.47 20.32 18.75
C CYS A 237 7.23 21.54 19.26
N LYS A 238 7.74 22.33 18.32
CA LYS A 238 8.41 23.58 18.66
C LYS A 238 7.93 24.71 17.78
N ASN A 239 7.74 25.87 18.39
CA ASN A 239 7.52 27.11 17.67
C ASN A 239 8.83 27.69 17.17
N ILE A 240 8.85 28.09 15.91
CA ILE A 240 9.92 28.93 15.40
C ILE A 240 9.33 30.30 15.12
N TYR A 241 9.43 31.18 16.10
CA TYR A 241 8.81 32.50 16.06
C TYR A 241 9.43 33.42 15.02
N ARG A 242 10.72 33.23 14.77
CA ARG A 242 11.45 34.11 13.87
C ARG A 242 12.37 33.32 12.97
N PRO A 243 11.86 32.88 11.81
CA PRO A 243 12.62 32.05 10.86
C PRO A 243 13.91 32.74 10.45
N ASP A 244 13.88 34.07 10.40
CA ASP A 244 15.05 34.87 10.06
C ASP A 244 16.16 34.70 11.09
N LYS A 245 15.83 34.88 12.36
CA LYS A 245 16.79 34.69 13.44
C LYS A 245 17.21 33.22 13.52
N PHE A 246 16.26 32.33 13.29
CA PHE A 246 16.56 30.90 13.28
C PHE A 246 17.68 30.55 12.29
N LEU A 247 17.55 31.00 11.05
CA LEU A 247 18.58 30.72 10.05
C LEU A 247 19.91 31.35 10.43
N GLN A 248 19.86 32.55 11.00
CA GLN A 248 21.07 33.23 11.42
C GLN A 248 21.78 32.46 12.52
N CYS A 249 21.01 31.91 13.45
CA CYS A 249 21.58 31.10 14.52
C CYS A 249 22.16 29.79 14.00
N VAL A 250 21.51 29.18 13.02
CA VAL A 250 22.06 27.96 12.44
C VAL A 250 23.42 28.27 11.79
N LYS A 251 23.46 29.32 10.99
CA LYS A 251 24.72 29.76 10.37
C LYS A 251 25.78 30.17 11.40
N ASN A 252 25.36 30.97 12.38
CA ASN A 252 26.26 31.44 13.44
C ASN A 252 25.86 30.86 14.79
N PRO A 253 26.10 29.56 14.97
CA PRO A 253 25.61 28.78 16.11
C PRO A 253 26.09 29.33 17.43
N GLU A 254 25.17 29.86 18.22
CA GLU A 254 25.50 30.35 19.54
C GLU A 254 26.78 31.17 19.53
N ASP A 255 27.13 31.73 18.38
CA ASP A 255 28.11 32.78 18.36
C ASP A 255 27.42 33.89 19.13
N SER A 256 26.12 33.98 18.91
CA SER A 256 25.31 35.04 19.48
C SER A 256 24.31 34.50 20.48
N SER A 257 23.31 35.32 20.77
CA SER A 257 22.26 34.98 21.72
C SER A 257 21.23 34.02 21.12
N CYS A 258 21.71 32.91 20.58
CA CYS A 258 20.83 31.94 19.96
C CYS A 258 20.57 30.74 20.87
N ARG B 7 -19.42 18.87 3.14
CA ARG B 7 -20.43 17.85 2.89
C ARG B 7 -20.49 17.40 1.42
N TRP B 8 -19.77 18.09 0.55
CA TRP B 8 -19.80 17.76 -0.88
C TRP B 8 -18.59 16.93 -1.31
N ARG B 9 -17.70 16.64 -0.38
CA ARG B 9 -16.51 15.84 -0.68
C ARG B 9 -16.54 14.50 0.04
N GLN B 10 -15.90 13.51 -0.55
CA GLN B 10 -15.70 12.26 0.15
C GLN B 10 -14.24 12.12 0.54
N THR B 11 -13.99 11.46 1.65
CA THR B 11 -12.63 11.34 2.16
C THR B 11 -11.77 10.47 1.23
N TRP B 12 -12.35 9.39 0.69
CA TRP B 12 -11.59 8.34 0.03
C TRP B 12 -12.09 8.06 -1.39
N SER B 13 -11.35 7.24 -2.13
CA SER B 13 -11.64 6.91 -3.53
C SER B 13 -12.40 5.60 -3.70
N GLY B 14 -12.38 4.74 -2.68
CA GLY B 14 -12.97 3.42 -2.78
C GLY B 14 -14.41 3.44 -2.30
N PRO B 15 -15.15 2.36 -2.58
CA PRO B 15 -16.54 2.27 -2.08
C PRO B 15 -16.58 2.30 -0.57
N GLY B 16 -17.66 2.84 0.00
CA GLY B 16 -17.83 2.88 1.43
C GLY B 16 -18.22 1.56 2.06
N THR B 17 -18.42 1.59 3.38
CA THR B 17 -18.83 0.42 4.10
C THR B 17 -20.15 -0.10 3.52
N THR B 18 -20.24 -1.41 3.33
CA THR B 18 -21.44 -2.04 2.81
C THR B 18 -22.63 -1.66 3.66
N LYS B 19 -23.74 -1.24 3.05
CA LYS B 19 -24.88 -0.84 3.87
C LYS B 19 -25.31 -1.93 4.85
N ARG B 20 -25.76 -1.49 6.02
CA ARG B 20 -26.20 -2.40 7.07
C ARG B 20 -25.09 -3.37 7.48
N PHE B 21 -23.83 -2.97 7.28
CA PHE B 21 -22.69 -3.80 7.70
C PHE B 21 -22.86 -4.43 9.10
N PRO B 22 -23.23 -3.63 10.11
CA PRO B 22 -23.29 -4.21 11.46
C PRO B 22 -24.37 -5.30 11.59
N GLU B 23 -25.55 -5.09 11.01
CA GLU B 23 -26.60 -6.11 11.05
C GLU B 23 -26.18 -7.32 10.24
N THR B 24 -25.48 -7.08 9.14
CA THR B 24 -25.02 -8.15 8.26
C THR B 24 -24.02 -9.09 8.92
N VAL B 25 -22.96 -8.52 9.51
CA VAL B 25 -21.94 -9.33 10.19
C VAL B 25 -22.57 -10.12 11.35
N LEU B 26 -23.44 -9.46 12.10
CA LEU B 26 -24.11 -10.10 13.23
C LEU B 26 -24.98 -11.26 12.74
N ALA B 27 -25.80 -11.00 11.74
CA ALA B 27 -26.63 -12.04 11.14
C ALA B 27 -25.78 -13.18 10.57
N ARG B 28 -24.62 -12.85 10.01
CA ARG B 28 -23.76 -13.87 9.42
C ARG B 28 -23.16 -14.73 10.51
N CYS B 29 -22.86 -14.11 11.63
CA CYS B 29 -22.29 -14.83 12.76
C CYS B 29 -23.34 -15.80 13.26
N VAL B 30 -24.55 -15.31 13.43
CA VAL B 30 -25.65 -16.12 13.96
C VAL B 30 -25.91 -17.32 13.06
N LYS B 31 -25.95 -17.09 11.75
CA LYS B 31 -26.22 -18.18 10.82
C LYS B 31 -25.08 -19.18 10.76
N TYR B 32 -23.85 -18.70 10.92
CA TYR B 32 -22.70 -19.60 10.86
C TYR B 32 -22.68 -20.55 12.05
N THR B 33 -23.19 -20.08 13.18
CA THR B 33 -23.22 -20.90 14.39
C THR B 33 -24.33 -21.95 14.32
N GLU B 34 -25.49 -21.55 13.79
CA GLU B 34 -26.57 -22.49 13.52
C GLU B 34 -26.03 -23.66 12.72
N ILE B 35 -25.48 -23.34 11.54
CA ILE B 35 -24.89 -24.33 10.64
C ILE B 35 -23.76 -25.10 11.31
N HIS B 36 -22.96 -24.41 12.12
CA HIS B 36 -21.81 -25.00 12.78
C HIS B 36 -21.94 -24.97 14.31
N PRO B 37 -22.54 -26.02 14.89
CA PRO B 37 -22.74 -26.10 16.34
C PRO B 37 -21.44 -26.00 17.13
N GLU B 38 -20.32 -26.38 16.51
CA GLU B 38 -19.03 -26.28 17.18
C GLU B 38 -18.75 -24.85 17.62
N MET B 39 -19.21 -23.90 16.82
CA MET B 39 -18.90 -22.49 17.07
C MET B 39 -19.99 -21.77 17.86
N ARG B 40 -20.97 -22.51 18.36
CA ARG B 40 -22.09 -21.88 19.09
C ARG B 40 -21.72 -21.28 20.44
N HIS B 41 -20.55 -21.63 20.98
CA HIS B 41 -20.08 -21.02 22.21
C HIS B 41 -19.84 -19.53 22.02
N VAL B 42 -19.62 -19.14 20.76
CA VAL B 42 -19.30 -17.77 20.41
C VAL B 42 -20.45 -16.81 20.71
N ASP B 43 -20.16 -15.75 21.46
CA ASP B 43 -21.12 -14.66 21.62
C ASP B 43 -21.06 -13.74 20.39
N CYS B 44 -21.98 -13.93 19.47
CA CYS B 44 -21.95 -13.16 18.23
C CYS B 44 -21.94 -11.65 18.45
N GLN B 45 -22.62 -11.17 19.50
CA GLN B 45 -22.64 -9.74 19.78
C GLN B 45 -21.25 -9.26 20.22
N SER B 46 -20.55 -10.09 20.99
CA SER B 46 -19.20 -9.79 21.42
C SER B 46 -18.25 -9.77 20.23
N VAL B 47 -18.48 -10.67 19.28
CA VAL B 47 -17.67 -10.76 18.08
C VAL B 47 -17.82 -9.49 17.26
N TRP B 48 -19.05 -9.01 17.14
CA TRP B 48 -19.27 -7.75 16.45
C TRP B 48 -18.54 -6.62 17.16
N ASP B 49 -18.66 -6.57 18.48
CA ASP B 49 -17.97 -5.53 19.24
C ASP B 49 -16.45 -5.59 19.01
N ALA B 50 -15.93 -6.80 18.83
CA ALA B 50 -14.49 -6.98 18.61
C ALA B 50 -14.10 -6.59 17.19
N PHE B 51 -14.96 -6.90 16.24
CA PHE B 51 -14.76 -6.51 14.84
C PHE B 51 -14.79 -4.98 14.78
N LYS B 52 -15.91 -4.42 15.24
CA LYS B 52 -16.09 -2.98 15.31
C LYS B 52 -14.90 -2.29 15.99
N GLY B 53 -14.42 -2.86 17.09
CA GLY B 53 -13.31 -2.31 17.85
C GLY B 53 -11.99 -2.21 17.11
N ALA B 54 -11.81 -3.06 16.10
CA ALA B 54 -10.56 -3.09 15.33
C ALA B 54 -10.33 -1.87 14.43
N PHE B 55 -11.41 -1.21 14.00
CA PHE B 55 -11.24 -0.13 13.02
C PHE B 55 -12.02 1.15 13.33
N ILE B 56 -13.00 1.07 14.22
CA ILE B 56 -13.75 2.26 14.61
C ILE B 56 -12.85 3.21 15.39
N SER B 57 -13.04 4.51 15.20
CA SER B 57 -12.27 5.54 15.88
C SER B 57 -10.77 5.39 15.63
N LYS B 58 -10.41 4.90 14.44
CA LYS B 58 -9.02 4.72 14.04
C LYS B 58 -8.86 5.20 12.61
N HIS B 59 -7.68 5.70 12.27
CA HIS B 59 -7.44 6.17 10.92
C HIS B 59 -7.35 4.96 10.01
N PRO B 60 -8.13 4.94 8.91
CA PRO B 60 -8.20 3.70 8.14
C PRO B 60 -6.96 3.47 7.24
N CYS B 61 -5.94 4.31 7.36
CA CYS B 61 -4.66 4.02 6.71
C CYS B 61 -3.63 3.52 7.72
N ASP B 62 -4.07 3.37 8.97
CA ASP B 62 -3.15 3.06 10.06
C ASP B 62 -3.52 1.78 10.78
N ILE B 63 -4.37 0.97 10.17
CA ILE B 63 -4.80 -0.27 10.79
C ILE B 63 -3.64 -1.26 10.79
N THR B 64 -3.52 -2.06 11.84
CA THR B 64 -2.48 -3.09 11.90
C THR B 64 -3.08 -4.43 12.25
N GLU B 65 -2.30 -5.49 12.07
CA GLU B 65 -2.77 -6.84 12.38
C GLU B 65 -3.13 -6.93 13.86
N GLU B 66 -2.45 -6.14 14.69
CA GLU B 66 -2.66 -6.16 16.12
C GLU B 66 -4.04 -5.61 16.49
N ASP B 67 -4.56 -4.72 15.64
CA ASP B 67 -5.93 -4.22 15.77
C ASP B 67 -6.95 -5.36 15.65
N TYR B 68 -6.60 -6.39 14.91
CA TYR B 68 -7.51 -7.51 14.70
C TYR B 68 -7.27 -8.70 15.63
N GLN B 69 -6.50 -8.49 16.68
CA GLN B 69 -6.20 -9.58 17.59
C GLN B 69 -7.41 -10.02 18.41
N PRO B 70 -8.08 -9.06 19.08
CA PRO B 70 -9.26 -9.42 19.86
C PRO B 70 -10.31 -10.18 19.04
N LEU B 71 -10.37 -9.93 17.73
CA LEU B 71 -11.29 -10.64 16.86
C LEU B 71 -10.77 -12.05 16.51
N MET B 72 -9.49 -12.13 16.15
CA MET B 72 -8.87 -13.42 15.85
C MET B 72 -8.99 -14.31 17.07
N LYS B 73 -9.08 -13.69 18.24
CA LYS B 73 -9.13 -14.44 19.50
C LYS B 73 -10.53 -14.97 19.78
N LEU B 74 -11.55 -14.14 19.54
CA LEU B 74 -12.93 -14.59 19.72
C LEU B 74 -13.32 -15.54 18.62
N GLY B 75 -12.58 -15.51 17.52
CA GLY B 75 -12.91 -16.32 16.35
C GLY B 75 -11.96 -17.49 16.16
N THR B 76 -11.29 -17.89 17.23
CA THR B 76 -10.40 -19.04 17.19
C THR B 76 -11.15 -20.32 16.76
N GLN B 77 -10.58 -21.00 15.78
CA GLN B 77 -11.23 -22.15 15.16
C GLN B 77 -10.19 -22.96 14.40
N THR B 78 -10.14 -24.27 14.66
CA THR B 78 -9.14 -25.11 14.02
C THR B 78 -9.75 -26.04 12.97
N VAL B 79 -9.13 -26.05 11.78
CA VAL B 79 -9.57 -26.90 10.69
C VAL B 79 -8.44 -27.84 10.28
N PRO B 80 -8.79 -29.03 9.77
CA PRO B 80 -7.83 -30.03 9.31
C PRO B 80 -6.77 -29.39 8.42
N CYS B 81 -5.57 -29.19 8.96
CA CYS B 81 -4.49 -28.53 8.24
C CYS B 81 -4.20 -29.21 6.92
N ASN B 82 -4.59 -30.48 6.81
CA ASN B 82 -4.37 -31.26 5.61
C ASN B 82 -5.51 -31.15 4.60
N LYS B 83 -6.51 -30.35 4.92
CA LYS B 83 -7.66 -30.17 4.02
C LYS B 83 -7.82 -28.72 3.60
N ILE B 84 -6.71 -28.08 3.26
CA ILE B 84 -6.71 -26.65 2.97
C ILE B 84 -6.55 -26.35 1.47
N LEU B 85 -7.40 -25.48 0.96
CA LEU B 85 -7.35 -25.06 -0.44
C LEU B 85 -7.18 -23.56 -0.58
N LEU B 86 -6.04 -23.14 -1.12
CA LEU B 86 -5.79 -21.73 -1.40
C LEU B 86 -6.09 -21.47 -2.86
N TRP B 87 -6.20 -20.20 -3.22
CA TRP B 87 -6.58 -19.82 -4.57
C TRP B 87 -6.15 -18.39 -4.86
N SER B 88 -6.33 -17.94 -6.11
CA SER B 88 -6.10 -16.56 -6.46
C SER B 88 -6.72 -16.25 -7.82
N ARG B 89 -7.59 -15.24 -7.84
CA ARG B 89 -8.27 -14.80 -9.05
C ARG B 89 -9.30 -15.81 -9.55
N ILE B 90 -9.65 -16.77 -8.69
CA ILE B 90 -10.56 -17.84 -9.08
C ILE B 90 -11.41 -18.28 -7.90
N LYS B 91 -11.88 -17.30 -7.12
CA LYS B 91 -12.58 -17.57 -5.87
C LYS B 91 -13.85 -18.41 -6.02
N ASP B 92 -14.74 -18.02 -6.92
CA ASP B 92 -16.00 -18.74 -7.05
C ASP B 92 -15.79 -20.21 -7.32
N LEU B 93 -14.95 -20.52 -8.31
CA LEU B 93 -14.64 -21.91 -8.62
C LEU B 93 -14.10 -22.64 -7.39
N ALA B 94 -13.28 -21.95 -6.59
CA ALA B 94 -12.73 -22.51 -5.37
C ALA B 94 -13.83 -22.84 -4.37
N HIS B 95 -14.72 -21.88 -4.16
CA HIS B 95 -15.87 -22.09 -3.29
C HIS B 95 -16.76 -23.21 -3.80
N GLN B 96 -17.00 -23.22 -5.11
CA GLN B 96 -17.80 -24.27 -5.71
C GLN B 96 -17.19 -25.64 -5.42
N PHE B 97 -15.86 -25.70 -5.44
CA PHE B 97 -15.17 -26.97 -5.20
C PHE B 97 -15.43 -27.48 -3.79
N THR B 98 -15.14 -26.67 -2.78
CA THR B 98 -15.31 -27.11 -1.39
C THR B 98 -16.77 -27.42 -1.09
N GLN B 99 -17.68 -26.80 -1.85
CA GLN B 99 -19.09 -27.07 -1.69
C GLN B 99 -19.47 -28.45 -2.23
N VAL B 100 -18.75 -28.89 -3.26
CA VAL B 100 -18.93 -30.23 -3.82
C VAL B 100 -18.16 -31.27 -3.00
N GLN B 101 -16.99 -30.89 -2.51
CA GLN B 101 -16.22 -31.77 -1.64
C GLN B 101 -16.19 -31.23 -0.21
N ARG B 102 -16.94 -31.86 0.67
CA ARG B 102 -17.07 -31.42 2.06
C ARG B 102 -15.74 -31.25 2.79
N ASP B 103 -14.77 -32.11 2.48
CA ASP B 103 -13.53 -32.17 3.24
C ASP B 103 -12.66 -30.92 3.16
N MET B 104 -12.65 -30.28 1.99
CA MET B 104 -11.76 -29.16 1.73
C MET B 104 -12.26 -27.86 2.35
N PHE B 105 -11.33 -27.01 2.74
CA PHE B 105 -11.64 -25.73 3.38
C PHE B 105 -10.92 -24.57 2.71
N THR B 106 -11.67 -23.52 2.40
CA THR B 106 -11.08 -22.22 2.09
C THR B 106 -11.28 -21.38 3.34
N LEU B 107 -10.76 -20.16 3.33
CA LEU B 107 -10.90 -19.28 4.48
C LEU B 107 -12.37 -18.92 4.72
N GLU B 108 -13.17 -18.85 3.65
CA GLU B 108 -14.59 -18.54 3.77
C GLU B 108 -15.37 -19.63 4.50
N ASP B 109 -14.75 -20.79 4.64
CA ASP B 109 -15.39 -21.90 5.35
C ASP B 109 -15.16 -21.81 6.85
N THR B 110 -14.37 -20.83 7.28
CA THR B 110 -14.18 -20.52 8.69
C THR B 110 -15.09 -19.35 9.07
N LEU B 111 -15.34 -19.18 10.36
CA LEU B 111 -16.22 -18.12 10.82
C LEU B 111 -15.77 -16.74 10.33
N LEU B 112 -14.50 -16.43 10.54
CA LEU B 112 -13.94 -15.13 10.18
C LEU B 112 -13.99 -14.81 8.68
N GLY B 113 -13.62 -15.78 7.85
CA GLY B 113 -13.71 -15.58 6.41
C GLY B 113 -15.16 -15.35 6.01
N TYR B 114 -16.04 -16.09 6.66
CA TYR B 114 -17.47 -16.07 6.34
C TYR B 114 -18.09 -14.73 6.69
N LEU B 115 -17.70 -14.16 7.84
CA LEU B 115 -18.22 -12.87 8.27
C LEU B 115 -17.93 -11.75 7.27
N ALA B 116 -16.76 -11.80 6.64
CA ALA B 116 -16.21 -10.65 5.91
C ALA B 116 -16.30 -10.75 4.39
N ASP B 117 -16.54 -11.95 3.87
CA ASP B 117 -16.56 -12.17 2.42
C ASP B 117 -17.46 -11.18 1.66
N ASP B 118 -16.88 -10.50 0.68
CA ASP B 118 -17.61 -9.58 -0.19
C ASP B 118 -18.09 -8.31 0.52
N LEU B 119 -17.58 -8.05 1.72
CA LEU B 119 -17.99 -6.85 2.44
C LEU B 119 -16.88 -5.81 2.41
N THR B 120 -17.25 -4.55 2.61
CA THR B 120 -16.30 -3.46 2.76
C THR B 120 -16.62 -2.69 4.04
N TRP B 121 -15.59 -2.17 4.71
CA TRP B 121 -15.79 -1.41 5.94
C TRP B 121 -14.60 -0.50 6.25
N CYS B 122 -14.88 0.61 6.92
CA CYS B 122 -13.84 1.46 7.48
C CYS B 122 -14.50 2.43 8.44
N GLY B 123 -13.71 3.01 9.33
CA GLY B 123 -14.18 4.03 10.25
C GLY B 123 -13.51 5.36 9.99
N GLU B 124 -13.49 6.22 11.01
CA GLU B 124 -12.95 7.55 10.86
C GLU B 124 -12.14 7.82 12.11
N PHE B 125 -11.03 8.54 11.96
CA PHE B 125 -10.21 8.85 13.12
C PHE B 125 -10.95 9.71 14.16
N ASP B 126 -11.69 10.69 13.67
CA ASP B 126 -12.21 11.74 14.55
C ASP B 126 -13.56 11.41 15.16
N THR B 127 -13.96 10.15 15.06
CA THR B 127 -15.34 9.82 15.31
C THR B 127 -15.49 8.34 15.62
N SER B 128 -16.65 7.95 16.15
CA SER B 128 -16.99 6.54 16.33
C SER B 128 -17.87 6.01 15.19
N LYS B 129 -18.08 6.83 14.17
CA LYS B 129 -19.04 6.44 13.13
C LYS B 129 -18.41 5.55 12.07
N ILE B 130 -19.20 4.63 11.53
CA ILE B 130 -18.79 3.83 10.38
C ILE B 130 -18.94 4.71 9.13
N ASN B 131 -17.98 4.61 8.20
CA ASN B 131 -18.01 5.45 7.02
C ASN B 131 -18.73 4.70 5.89
N TYR B 132 -20.00 5.04 5.67
CA TYR B 132 -20.78 4.38 4.62
C TYR B 132 -20.64 5.13 3.31
N GLN B 133 -19.82 6.19 3.30
CA GLN B 133 -19.68 6.99 2.08
C GLN B 133 -18.52 6.54 1.19
N SER B 134 -17.36 6.32 1.78
CA SER B 134 -16.19 5.88 1.02
C SER B 134 -15.16 5.26 1.96
N CYS B 135 -14.30 4.42 1.38
CA CYS B 135 -13.19 3.81 2.12
C CYS B 135 -11.92 3.82 1.26
N PRO B 136 -10.74 3.68 1.88
CA PRO B 136 -9.50 3.80 1.10
C PRO B 136 -9.37 2.76 0.01
N ASP B 137 -9.06 3.21 -1.19
CA ASP B 137 -8.73 2.31 -2.27
C ASP B 137 -7.27 1.87 -2.11
N TRP B 138 -7.03 0.57 -2.16
CA TRP B 138 -5.72 0.00 -1.87
C TRP B 138 -4.63 0.65 -2.70
N ARG B 139 -4.96 1.07 -3.92
CA ARG B 139 -3.99 1.64 -4.84
C ARG B 139 -3.90 3.16 -4.74
N LYS B 140 -5.02 3.85 -4.93
CA LYS B 140 -5.01 5.30 -4.98
C LYS B 140 -4.85 5.98 -3.61
N ASP B 141 -5.18 5.26 -2.53
CA ASP B 141 -5.21 5.91 -1.23
C ASP B 141 -4.14 5.40 -0.28
N CYS B 142 -4.28 4.15 0.15
CA CYS B 142 -3.33 3.54 1.09
C CYS B 142 -3.57 2.04 1.25
N SER B 143 -2.49 1.28 1.34
CA SER B 143 -2.57 -0.18 1.36
C SER B 143 -2.93 -0.77 2.71
N ASN B 144 -2.70 -0.03 3.80
CA ASN B 144 -2.98 -0.56 5.13
C ASN B 144 -4.36 -0.17 5.67
N ASN B 145 -5.40 -0.55 4.92
CA ASN B 145 -6.74 -0.15 5.27
C ASN B 145 -7.49 -1.31 5.95
N PRO B 146 -8.63 -1.00 6.61
CA PRO B 146 -9.27 -2.05 7.41
C PRO B 146 -9.52 -3.36 6.67
N VAL B 147 -9.98 -3.30 5.42
CA VAL B 147 -10.24 -4.53 4.68
C VAL B 147 -8.95 -5.27 4.29
N SER B 148 -7.99 -4.55 3.70
CA SER B 148 -6.74 -5.17 3.25
C SER B 148 -5.99 -5.77 4.42
N VAL B 149 -5.94 -5.04 5.54
CA VAL B 149 -5.22 -5.54 6.70
C VAL B 149 -5.92 -6.77 7.24
N PHE B 150 -7.24 -6.80 7.19
CA PHE B 150 -7.99 -7.97 7.64
C PHE B 150 -7.67 -9.24 6.84
N TRP B 151 -7.65 -9.13 5.52
CA TRP B 151 -7.39 -10.30 4.68
C TRP B 151 -5.94 -10.76 4.70
N LYS B 152 -5.02 -9.80 4.82
CA LYS B 152 -3.60 -10.12 4.97
C LYS B 152 -3.43 -10.93 6.24
N THR B 153 -4.12 -10.52 7.29
CA THR B 153 -3.95 -11.12 8.62
C THR B 153 -4.49 -12.55 8.71
N VAL B 154 -5.71 -12.76 8.25
CA VAL B 154 -6.28 -14.11 8.31
C VAL B 154 -5.56 -15.05 7.34
N SER B 155 -5.17 -14.53 6.18
CA SER B 155 -4.52 -15.35 5.16
C SER B 155 -3.15 -15.81 5.62
N ARG B 156 -2.45 -14.93 6.33
CA ARG B 156 -1.17 -15.26 6.95
C ARG B 156 -1.33 -16.44 7.89
N ARG B 157 -2.31 -16.34 8.78
CA ARG B 157 -2.57 -17.41 9.74
C ARG B 157 -3.02 -18.68 9.03
N PHE B 158 -3.84 -18.54 8.01
CA PHE B 158 -4.36 -19.70 7.30
C PHE B 158 -3.21 -20.50 6.70
N ALA B 159 -2.30 -19.80 6.03
CA ALA B 159 -1.16 -20.44 5.37
C ALA B 159 -0.28 -21.22 6.36
N GLU B 160 0.03 -20.58 7.48
CA GLU B 160 0.94 -21.17 8.46
C GLU B 160 0.36 -22.44 9.07
N ALA B 161 -0.96 -22.47 9.22
CA ALA B 161 -1.63 -23.61 9.86
C ALA B 161 -1.73 -24.84 8.96
N ALA B 162 -1.60 -24.65 7.65
CA ALA B 162 -1.64 -25.74 6.69
C ALA B 162 -0.54 -26.75 6.96
N CYS B 163 -0.64 -27.91 6.31
CA CYS B 163 0.38 -28.95 6.44
C CYS B 163 0.29 -29.97 5.31
N ASP B 164 1.33 -30.78 5.17
CA ASP B 164 1.36 -31.85 4.18
C ASP B 164 1.25 -31.35 2.76
N VAL B 165 0.17 -31.75 2.08
CA VAL B 165 -0.09 -31.29 0.73
C VAL B 165 -1.12 -30.16 0.74
N VAL B 166 -0.72 -29.01 0.23
CA VAL B 166 -1.61 -27.87 0.13
C VAL B 166 -1.92 -27.62 -1.33
N HIS B 167 -3.17 -27.33 -1.63
CA HIS B 167 -3.58 -27.09 -3.01
C HIS B 167 -3.88 -25.61 -3.27
N VAL B 168 -3.63 -25.19 -4.50
CA VAL B 168 -3.95 -23.83 -4.91
C VAL B 168 -4.57 -23.84 -6.32
N MET B 169 -5.71 -23.15 -6.44
CA MET B 169 -6.35 -22.96 -7.74
C MET B 169 -5.84 -21.67 -8.37
N LEU B 170 -5.47 -21.75 -9.63
CA LEU B 170 -5.02 -20.59 -10.38
C LEU B 170 -5.81 -20.46 -11.67
N ASP B 171 -6.02 -19.22 -12.11
CA ASP B 171 -6.80 -18.98 -13.33
C ASP B 171 -5.91 -18.98 -14.56
N GLY B 172 -6.03 -20.05 -15.35
CA GLY B 172 -5.20 -20.25 -16.53
C GLY B 172 -5.47 -19.30 -17.69
N SER B 173 -6.46 -18.43 -17.54
CA SER B 173 -6.75 -17.45 -18.59
C SER B 173 -6.28 -16.06 -18.20
N ARG B 174 -5.61 -15.96 -17.05
CA ARG B 174 -5.01 -14.70 -16.62
C ARG B 174 -3.80 -14.36 -17.48
N SER B 175 -3.33 -13.12 -17.38
CA SER B 175 -2.10 -12.71 -18.04
C SER B 175 -0.95 -12.97 -17.08
N LYS B 176 -1.27 -13.01 -15.80
CA LYS B 176 -0.37 -13.52 -14.77
C LYS B 176 -1.08 -14.66 -14.06
N ILE B 177 -0.85 -15.88 -14.52
CA ILE B 177 -1.46 -17.05 -13.90
C ILE B 177 -1.11 -17.07 -12.42
N PHE B 178 0.18 -16.92 -12.13
CA PHE B 178 0.64 -16.65 -10.77
C PHE B 178 1.08 -15.20 -10.67
N ASP B 179 0.58 -14.50 -9.67
CA ASP B 179 0.91 -13.10 -9.49
C ASP B 179 1.56 -12.87 -8.13
N LYS B 180 2.82 -12.43 -8.15
CA LYS B 180 3.58 -12.23 -6.91
C LYS B 180 2.92 -11.19 -6.02
N ASP B 181 2.11 -10.33 -6.62
CA ASP B 181 1.50 -9.21 -5.89
C ASP B 181 0.18 -9.58 -5.21
N SER B 182 -0.38 -10.73 -5.58
CA SER B 182 -1.62 -11.19 -4.96
C SER B 182 -1.37 -11.56 -3.50
N THR B 183 -2.45 -11.83 -2.76
CA THR B 183 -2.31 -12.26 -1.37
C THR B 183 -1.66 -13.63 -1.30
N PHE B 184 -2.08 -14.50 -2.21
CA PHE B 184 -1.48 -15.83 -2.27
C PHE B 184 0.00 -15.73 -2.58
N GLY B 185 0.35 -14.87 -3.52
CA GLY B 185 1.72 -14.79 -4.03
C GLY B 185 2.68 -13.96 -3.20
N SER B 186 2.16 -13.13 -2.31
CA SER B 186 3.04 -12.27 -1.51
C SER B 186 2.89 -12.48 0.01
N VAL B 187 1.87 -13.25 0.41
CA VAL B 187 1.67 -13.49 1.83
C VAL B 187 1.61 -14.99 2.13
N GLU B 188 0.67 -15.68 1.50
CA GLU B 188 0.45 -17.09 1.79
C GLU B 188 1.66 -17.96 1.43
N VAL B 189 2.16 -17.80 0.22
CA VAL B 189 3.26 -18.63 -0.26
C VAL B 189 4.48 -18.48 0.65
N HIS B 190 4.64 -17.33 1.28
CA HIS B 190 5.78 -17.07 2.15
C HIS B 190 5.55 -17.48 3.60
N ASN B 191 4.34 -17.94 3.92
CA ASN B 191 4.06 -18.40 5.28
C ASN B 191 3.72 -19.87 5.34
N LEU B 192 3.95 -20.58 4.23
CA LEU B 192 3.89 -22.03 4.23
C LEU B 192 5.18 -22.53 4.87
N GLN B 193 5.07 -23.57 5.70
CA GLN B 193 6.23 -24.03 6.46
C GLN B 193 6.80 -25.34 5.94
N PRO B 194 8.10 -25.32 5.58
CA PRO B 194 8.83 -26.50 5.11
C PRO B 194 8.70 -27.69 6.05
N GLU B 195 8.42 -27.43 7.32
CA GLU B 195 8.31 -28.49 8.32
C GLU B 195 6.98 -29.22 8.21
N LYS B 196 5.93 -28.48 7.89
CA LYS B 196 4.59 -29.05 7.76
C LYS B 196 4.25 -29.41 6.32
N VAL B 197 4.62 -28.53 5.40
CA VAL B 197 4.28 -28.72 3.99
C VAL B 197 5.45 -29.32 3.22
N GLN B 198 5.20 -30.47 2.59
CA GLN B 198 6.18 -31.06 1.69
C GLN B 198 5.88 -30.66 0.26
N THR B 199 4.60 -30.49 -0.05
CA THR B 199 4.19 -30.21 -1.43
C THR B 199 3.09 -29.16 -1.54
N LEU B 200 3.28 -28.23 -2.45
CA LEU B 200 2.22 -27.34 -2.89
C LEU B 200 1.81 -27.80 -4.28
N GLU B 201 0.55 -28.16 -4.45
CA GLU B 201 0.05 -28.59 -5.74
C GLU B 201 -0.83 -27.52 -6.38
N ALA B 202 -0.41 -27.05 -7.54
CA ALA B 202 -1.16 -26.01 -8.24
C ALA B 202 -2.10 -26.60 -9.27
N TRP B 203 -3.33 -26.09 -9.31
CA TRP B 203 -4.30 -26.49 -10.31
C TRP B 203 -4.55 -25.32 -11.25
N VAL B 204 -4.06 -25.42 -12.47
CA VAL B 204 -4.23 -24.35 -13.43
C VAL B 204 -5.49 -24.57 -14.23
N ILE B 205 -6.50 -23.77 -13.95
CA ILE B 205 -7.82 -23.90 -14.56
C ILE B 205 -7.86 -23.23 -15.95
N HIS B 206 -8.04 -24.04 -17.00
CA HIS B 206 -8.25 -23.48 -18.33
C HIS B 206 -9.70 -22.99 -18.43
N GLY B 207 -9.95 -21.82 -17.87
CA GLY B 207 -11.31 -21.31 -17.76
C GLY B 207 -11.98 -20.92 -19.06
N GLY B 208 -11.25 -20.22 -19.93
CA GLY B 208 -11.85 -19.62 -21.10
C GLY B 208 -12.00 -20.53 -22.31
N ARG B 209 -11.45 -20.09 -23.42
CA ARG B 209 -11.55 -20.80 -24.69
C ARG B 209 -10.74 -22.09 -24.70
N GLU B 210 -11.08 -22.96 -25.65
CA GLU B 210 -10.33 -24.19 -25.90
C GLU B 210 -8.83 -23.94 -25.85
N ASP B 211 -8.17 -24.42 -24.80
CA ASP B 211 -6.74 -24.24 -24.66
C ASP B 211 -6.05 -25.56 -24.40
N SER B 212 -5.43 -26.14 -25.43
CA SER B 212 -4.79 -27.45 -25.28
C SER B 212 -3.30 -27.34 -24.94
N ARG B 213 -2.85 -26.13 -24.65
CA ARG B 213 -1.46 -25.92 -24.28
C ARG B 213 -1.19 -26.40 -22.85
N ASP B 214 0.07 -26.68 -22.55
CA ASP B 214 0.46 -27.03 -21.19
C ASP B 214 0.80 -25.75 -20.44
N LEU B 215 -0.16 -25.25 -19.67
CA LEU B 215 0.01 -24.01 -18.94
C LEU B 215 0.89 -24.16 -17.69
N CYS B 216 1.40 -25.36 -17.47
CA CYS B 216 2.34 -25.60 -16.38
C CYS B 216 3.76 -25.22 -16.82
N GLN B 217 3.87 -24.76 -18.06
CA GLN B 217 5.15 -24.34 -18.60
C GLN B 217 5.22 -22.81 -18.64
N ASP B 218 4.10 -22.17 -18.32
CA ASP B 218 4.05 -20.71 -18.32
C ASP B 218 5.16 -20.14 -17.43
N PRO B 219 5.75 -19.02 -17.85
CA PRO B 219 6.86 -18.41 -17.10
C PRO B 219 6.48 -18.03 -15.67
N THR B 220 5.23 -17.65 -15.44
CA THR B 220 4.78 -17.31 -14.08
C THR B 220 4.64 -18.57 -13.23
N ILE B 221 4.27 -19.67 -13.88
CA ILE B 221 4.24 -20.95 -13.20
C ILE B 221 5.67 -21.37 -12.86
N LYS B 222 6.57 -21.22 -13.83
CA LYS B 222 7.98 -21.53 -13.59
C LYS B 222 8.53 -20.63 -12.50
N GLU B 223 7.98 -19.42 -12.41
CA GLU B 223 8.36 -18.50 -11.35
C GLU B 223 7.89 -19.02 -10.00
N LEU B 224 6.60 -19.31 -9.90
CA LEU B 224 6.06 -19.86 -8.66
C LEU B 224 6.88 -21.06 -8.19
N GLU B 225 7.19 -21.96 -9.12
CA GLU B 225 8.01 -23.12 -8.80
C GLU B 225 9.33 -22.67 -8.17
N SER B 226 9.95 -21.65 -8.75
CA SER B 226 11.18 -21.10 -8.21
C SER B 226 10.99 -20.72 -6.74
N ILE B 227 9.97 -19.90 -6.49
CA ILE B 227 9.70 -19.41 -5.15
C ILE B 227 9.60 -20.53 -4.11
N ILE B 228 8.66 -21.45 -4.30
CA ILE B 228 8.44 -22.48 -3.28
C ILE B 228 9.56 -23.54 -3.24
N SER B 229 10.28 -23.70 -4.35
CA SER B 229 11.43 -24.61 -4.36
C SER B 229 12.52 -24.07 -3.47
N LYS B 230 12.71 -22.74 -3.50
CA LYS B 230 13.72 -22.10 -2.67
C LYS B 230 13.33 -22.16 -1.20
N ARG B 231 12.09 -22.52 -0.93
CA ARG B 231 11.61 -22.62 0.45
C ARG B 231 11.60 -24.06 0.93
N ASN B 232 12.34 -24.91 0.24
CA ASN B 232 12.45 -26.32 0.60
C ASN B 232 11.11 -27.06 0.53
N ILE B 233 10.26 -26.62 -0.39
CA ILE B 233 8.96 -27.26 -0.59
C ILE B 233 8.86 -27.85 -1.99
N GLN B 234 8.26 -29.03 -2.09
CA GLN B 234 8.03 -29.67 -3.38
C GLN B 234 6.90 -28.96 -4.10
N PHE B 235 6.98 -28.90 -5.43
CA PHE B 235 5.95 -28.23 -6.22
C PHE B 235 5.39 -29.13 -7.30
N SER B 236 4.05 -29.25 -7.31
CA SER B 236 3.36 -30.01 -8.33
C SER B 236 2.43 -29.09 -9.12
N CYS B 237 2.21 -29.42 -10.38
CA CYS B 237 1.38 -28.58 -11.24
C CYS B 237 0.49 -29.43 -12.13
N LYS B 238 -0.80 -29.15 -12.09
CA LYS B 238 -1.77 -29.87 -12.91
C LYS B 238 -2.52 -28.93 -13.83
N ASN B 239 -2.80 -29.39 -15.05
CA ASN B 239 -3.68 -28.68 -15.96
C ASN B 239 -5.10 -29.22 -15.84
N ILE B 240 -6.06 -28.34 -15.56
CA ILE B 240 -7.46 -28.73 -15.61
C ILE B 240 -8.08 -28.19 -16.89
N TYR B 241 -8.13 -29.04 -17.91
CA TYR B 241 -8.50 -28.61 -19.26
C TYR B 241 -9.99 -28.31 -19.41
N ARG B 242 -10.83 -29.05 -18.71
CA ARG B 242 -12.27 -28.81 -18.77
C ARG B 242 -12.85 -28.71 -17.38
N PRO B 243 -12.80 -27.50 -16.80
CA PRO B 243 -13.22 -27.20 -15.43
C PRO B 243 -14.66 -27.62 -15.13
N ASP B 244 -15.55 -27.42 -16.10
CA ASP B 244 -16.94 -27.80 -15.93
C ASP B 244 -17.04 -29.30 -15.66
N LYS B 245 -16.35 -30.09 -16.49
CA LYS B 245 -16.32 -31.53 -16.32
C LYS B 245 -15.60 -31.91 -15.03
N PHE B 246 -14.70 -31.03 -14.59
CA PHE B 246 -13.94 -31.26 -13.38
C PHE B 246 -14.83 -31.36 -12.15
N LEU B 247 -15.67 -30.34 -11.95
CA LEU B 247 -16.55 -30.32 -10.79
C LEU B 247 -17.48 -31.53 -10.75
N GLN B 248 -18.06 -31.88 -11.89
CA GLN B 248 -18.95 -33.03 -11.95
C GLN B 248 -18.24 -34.29 -11.47
N CYS B 249 -17.05 -34.54 -12.02
CA CYS B 249 -16.26 -35.70 -11.62
C CYS B 249 -16.06 -35.73 -10.11
N VAL B 250 -15.86 -34.56 -9.51
CA VAL B 250 -15.70 -34.48 -8.05
C VAL B 250 -16.99 -34.88 -7.34
N LYS B 251 -18.12 -34.35 -7.80
CA LYS B 251 -19.41 -34.68 -7.18
C LYS B 251 -19.77 -36.13 -7.42
N ASN B 252 -19.96 -36.51 -8.68
CA ASN B 252 -20.16 -37.90 -9.07
C ASN B 252 -18.82 -38.57 -9.37
N PRO B 253 -18.12 -39.02 -8.31
CA PRO B 253 -16.73 -39.47 -8.44
C PRO B 253 -16.60 -40.69 -9.35
N GLU B 254 -15.54 -40.73 -10.15
CA GLU B 254 -15.28 -41.84 -11.06
C GLU B 254 -16.54 -42.41 -11.69
N ASP B 255 -17.45 -41.52 -12.08
CA ASP B 255 -18.70 -41.91 -12.72
C ASP B 255 -18.81 -41.34 -14.14
N SER B 256 -19.18 -40.07 -14.22
CA SER B 256 -19.47 -39.42 -15.50
C SER B 256 -18.21 -39.09 -16.31
N SER B 257 -17.85 -39.99 -17.22
CA SER B 257 -16.71 -39.80 -18.11
C SER B 257 -15.53 -39.11 -17.44
N CYS B 258 -14.82 -39.86 -16.61
CA CYS B 258 -13.67 -39.32 -15.89
C CYS B 258 -12.42 -40.17 -16.12
#